data_5V7W
#
_entry.id   5V7W
#
_cell.length_a   83.049
_cell.length_b   144.907
_cell.length_c   83.428
_cell.angle_alpha   90.00
_cell.angle_beta   90.00
_cell.angle_gamma   90.00
#
_symmetry.space_group_name_H-M   'C 2 2 21'
#
loop_
_entity.id
_entity.type
_entity.pdbx_description
1 polymer 'Poly [ADP-ribose] polymerase 14'
2 non-polymer 2-{[(1-methylpiperidin-4-yl)methyl]amino}-5,6,7,8-tetrahydro[1]benzothieno[2,3-d]pyrimidin-4(3H)-one
3 water water
#
_entity_poly.entity_id   1
_entity_poly.type   'polypeptide(L)'
_entity_poly.pdbx_seq_one_letter_code
;GGSDMKQQNFCVVELLPSDPEYNTVASKFNQTCSHFRIEKIERIQNPDLWNSYQAKKKTMDAKNGQTMNEKQLFHGTDAG
SVPHVNRNGFNRSYAGKNAVAYGKGTYFAVNANYSANDTYSRPDANGRKHVYYVRVLTGIYTHGNHSLIVPPSKNPQNPT
DLYDTVTDNVHHPSLFVAFYDYQAYPEYLITFRK
;
_entity_poly.pdbx_strand_id   A,B
#
loop_
_chem_comp.id
_chem_comp.type
_chem_comp.name
_chem_comp.formula
91J non-polymer 2-{[(1-methylpiperidin-4-yl)methyl]amino}-5,6,7,8-tetrahydro[1]benzothieno[2,3-d]pyrimidin-4(3H)-one 'C17 H24 N4 O S'
#
# COMPACT_ATOMS: atom_id res chain seq x y z
N GLN A 7 6.26 8.61 12.23
CA GLN A 7 5.16 8.33 13.22
C GLN A 7 3.82 7.99 12.53
N GLN A 8 3.04 7.12 13.19
CA GLN A 8 1.85 6.48 12.59
C GLN A 8 2.21 5.46 11.50
N ASN A 9 3.41 4.89 11.62
CA ASN A 9 3.90 3.82 10.74
C ASN A 9 3.05 2.56 10.89
N PHE A 10 3.12 1.68 9.91
CA PHE A 10 2.28 0.49 9.91
C PHE A 10 2.95 -0.71 9.27
N CYS A 11 2.38 -1.89 9.50
CA CYS A 11 2.81 -3.15 8.90
C CYS A 11 1.58 -3.82 8.33
N VAL A 12 1.75 -4.57 7.26
CA VAL A 12 0.63 -5.23 6.61
C VAL A 12 0.85 -6.74 6.65
N VAL A 13 0.01 -7.44 7.41
CA VAL A 13 0.18 -8.88 7.62
C VAL A 13 -0.90 -9.63 6.86
N GLU A 14 -0.48 -10.49 5.93
CA GLU A 14 -1.45 -11.28 5.17
C GLU A 14 -1.89 -12.46 6.02
N LEU A 15 -3.20 -12.74 5.98
CA LEU A 15 -3.75 -13.85 6.74
C LEU A 15 -3.89 -15.08 5.86
N LEU A 16 -3.51 -16.24 6.41
CA LEU A 16 -3.72 -17.53 5.76
C LEU A 16 -5.20 -17.89 5.79
N PRO A 17 -5.76 -18.30 4.64
CA PRO A 17 -7.14 -18.80 4.61
C PRO A 17 -7.41 -19.92 5.61
N SER A 18 -6.35 -20.58 6.07
CA SER A 18 -6.45 -21.62 7.11
C SER A 18 -6.44 -21.07 8.55
N ASP A 19 -6.34 -19.74 8.69
CA ASP A 19 -6.31 -19.07 9.98
C ASP A 19 -7.74 -18.76 10.44
N PRO A 20 -8.06 -19.07 11.71
CA PRO A 20 -9.34 -18.69 12.33
C PRO A 20 -9.70 -17.21 12.12
N GLU A 21 -8.69 -16.34 12.18
CA GLU A 21 -8.90 -14.91 12.03
C GLU A 21 -9.37 -14.56 10.61
N TYR A 22 -8.80 -15.23 9.61
CA TYR A 22 -9.27 -15.10 8.23
C TYR A 22 -10.69 -15.60 8.09
N ASN A 23 -10.97 -16.76 8.69
CA ASN A 23 -12.31 -17.37 8.63
C ASN A 23 -13.39 -16.45 9.18
N THR A 24 -13.08 -15.81 10.30
CA THR A 24 -14.00 -14.91 10.97
C THR A 24 -14.36 -13.75 10.04
N VAL A 25 -13.34 -13.10 9.49
CA VAL A 25 -13.55 -11.99 8.57
C VAL A 25 -14.30 -12.45 7.30
N ALA A 26 -13.87 -13.57 6.72
CA ALA A 26 -14.50 -14.12 5.53
C ALA A 26 -16.00 -14.41 5.72
N SER A 27 -16.34 -15.06 6.83
CA SER A 27 -17.72 -15.41 7.15
C SER A 27 -18.64 -14.20 7.02
N LYS A 28 -18.25 -13.12 7.69
CA LYS A 28 -19.05 -11.91 7.72
C LYS A 28 -19.17 -11.32 6.34
N PHE A 29 -18.06 -11.33 5.60
CA PHE A 29 -18.03 -10.86 4.22
C PHE A 29 -19.02 -11.66 3.37
N ASN A 30 -18.89 -12.99 3.43
CA ASN A 30 -19.70 -13.91 2.63
C ASN A 30 -21.19 -13.96 3.01
N GLN A 31 -21.57 -13.24 4.06
CA GLN A 31 -22.99 -13.12 4.44
C GLN A 31 -23.79 -12.47 3.33
N THR A 32 -23.15 -11.55 2.60
CA THR A 32 -23.81 -10.85 1.49
C THR A 32 -22.96 -10.85 0.22
N CYS A 33 -21.75 -11.43 0.30
CA CYS A 33 -20.82 -11.42 -0.83
C CYS A 33 -20.19 -12.78 -1.15
N SER A 34 -20.92 -13.86 -0.90
CA SER A 34 -20.39 -15.20 -1.19
C SER A 34 -20.19 -15.44 -2.69
N HIS A 35 -20.78 -14.58 -3.52
CA HIS A 35 -20.66 -14.64 -4.97
C HIS A 35 -19.41 -13.94 -5.51
N PHE A 36 -18.65 -13.29 -4.62
CA PHE A 36 -17.35 -12.76 -4.97
C PHE A 36 -16.27 -13.74 -4.53
N ARG A 37 -15.14 -13.70 -5.23
CA ARG A 37 -14.00 -14.54 -4.89
C ARG A 37 -12.95 -13.69 -4.17
N ILE A 38 -12.48 -14.19 -3.03
CA ILE A 38 -11.51 -13.46 -2.19
C ILE A 38 -10.07 -13.79 -2.57
N GLU A 39 -9.33 -12.78 -3.02
CA GLU A 39 -7.89 -12.91 -3.33
C GLU A 39 -7.05 -13.01 -2.07
N LYS A 40 -7.25 -12.08 -1.13
CA LYS A 40 -6.56 -12.11 0.16
C LYS A 40 -7.19 -11.18 1.21
N ILE A 41 -6.86 -11.45 2.47
CA ILE A 41 -7.24 -10.58 3.57
C ILE A 41 -5.98 -10.28 4.37
N GLU A 42 -5.81 -9.00 4.70
CA GLU A 42 -4.63 -8.51 5.43
C GLU A 42 -5.04 -7.72 6.64
N ARG A 43 -4.34 -7.93 7.75
CA ARG A 43 -4.51 -7.15 8.96
C ARG A 43 -3.57 -5.95 8.93
N ILE A 44 -4.13 -4.76 9.08
CA ILE A 44 -3.35 -3.52 9.09
C ILE A 44 -2.94 -3.20 10.53
N GLN A 45 -1.63 -3.19 10.79
CA GLN A 45 -1.11 -2.93 12.14
C GLN A 45 -0.46 -1.56 12.25
N ASN A 46 -1.24 -0.60 12.71
CA ASN A 46 -0.81 0.78 12.90
C ASN A 46 -0.93 1.18 14.38
N PRO A 47 0.16 0.99 15.16
CA PRO A 47 0.18 1.21 16.61
C PRO A 47 -0.38 2.57 17.03
N ASP A 48 0.08 3.64 16.36
CA ASP A 48 -0.31 4.99 16.75
C ASP A 48 -1.75 5.30 16.39
N LEU A 49 -2.26 4.71 15.31
CA LEU A 49 -3.66 4.87 14.96
C LEU A 49 -4.53 4.10 15.95
N TRP A 50 -4.14 2.86 16.23
CA TRP A 50 -4.81 2.00 17.21
C TRP A 50 -4.86 2.62 18.61
N ASN A 51 -3.73 3.17 19.05
CA ASN A 51 -3.68 3.81 20.37
C ASN A 51 -4.59 5.03 20.47
N SER A 52 -4.69 5.80 19.39
CA SER A 52 -5.59 6.93 19.32
C SER A 52 -7.04 6.46 19.35
N TYR A 53 -7.32 5.37 18.64
CA TYR A 53 -8.65 4.80 18.56
C TYR A 53 -9.11 4.23 19.91
N GLN A 54 -8.24 3.46 20.56
CA GLN A 54 -8.51 2.90 21.87
C GLN A 54 -8.69 3.99 22.91
N ALA A 55 -7.89 5.05 22.81
CA ALA A 55 -8.01 6.19 23.71
C ALA A 55 -9.42 6.79 23.63
N LYS A 56 -9.90 7.01 22.40
CA LYS A 56 -11.23 7.55 22.17
C LYS A 56 -12.33 6.57 22.60
N LYS A 57 -12.06 5.27 22.48
CA LYS A 57 -12.98 4.24 22.96
C LYS A 57 -13.08 4.20 24.48
N LYS A 58 -11.94 4.36 25.17
CA LYS A 58 -11.95 4.38 26.62
C LYS A 58 -12.89 5.47 27.12
N THR A 59 -12.75 6.68 26.57
CA THR A 59 -13.56 7.82 27.02
C THR A 59 -15.02 7.62 26.63
N MET A 60 -15.23 6.98 25.47
CA MET A 60 -16.58 6.74 24.99
C MET A 60 -17.32 5.70 25.83
N ASP A 61 -16.61 4.67 26.28
CA ASP A 61 -17.20 3.64 27.12
C ASP A 61 -17.53 4.15 28.50
N ALA A 62 -16.75 5.13 28.96
CA ALA A 62 -17.00 5.78 30.24
C ALA A 62 -18.21 6.72 30.19
N LYS A 63 -18.60 7.09 28.98
CA LYS A 63 -19.62 8.11 28.74
C LYS A 63 -20.99 7.53 28.38
N ASN A 64 -21.02 6.54 27.50
CA ASN A 64 -22.29 6.06 26.93
C ASN A 64 -22.97 4.91 27.69
N GLY A 65 -22.49 4.62 28.90
CA GLY A 65 -23.13 3.67 29.80
C GLY A 65 -23.21 2.24 29.29
N GLN A 66 -24.43 1.71 29.22
CA GLN A 66 -24.67 0.32 28.82
C GLN A 66 -24.45 0.09 27.32
N THR A 67 -24.23 1.16 26.57
CA THR A 67 -24.07 1.08 25.13
C THR A 67 -22.83 0.28 24.74
N MET A 68 -23.01 -0.56 23.73
CA MET A 68 -21.92 -1.22 23.03
C MET A 68 -21.46 -0.27 21.94
N ASN A 69 -20.38 0.47 22.18
CA ASN A 69 -20.01 1.58 21.32
C ASN A 69 -19.40 1.21 19.99
N GLU A 70 -18.84 0.01 19.93
CA GLU A 70 -18.10 -0.43 18.75
C GLU A 70 -18.92 -1.34 17.86
N LYS A 71 -18.77 -1.15 16.56
CA LYS A 71 -19.31 -2.08 15.59
C LYS A 71 -18.22 -2.35 14.55
N GLN A 72 -18.35 -3.48 13.86
CA GLN A 72 -17.45 -3.81 12.75
C GLN A 72 -18.18 -3.70 11.42
N LEU A 73 -17.77 -2.71 10.63
CA LEU A 73 -18.48 -2.32 9.40
C LEU A 73 -17.55 -2.31 8.19
N PHE A 74 -18.12 -2.19 7.00
CA PHE A 74 -17.34 -2.25 5.77
C PHE A 74 -17.19 -0.88 5.12
N HIS A 75 -16.10 -0.73 4.36
CA HIS A 75 -15.85 0.48 3.59
C HIS A 75 -15.12 0.11 2.31
N GLY A 76 -15.82 0.21 1.19
CA GLY A 76 -15.22 -0.02 -0.12
C GLY A 76 -14.44 1.21 -0.56
N THR A 77 -13.31 0.98 -1.22
CA THR A 77 -12.47 2.06 -1.71
C THR A 77 -11.63 1.57 -2.88
N ASP A 78 -11.17 2.52 -3.71
CA ASP A 78 -10.25 2.22 -4.81
C ASP A 78 -8.86 1.81 -4.29
N ALA A 79 -8.15 1.04 -5.11
CA ALA A 79 -6.81 0.57 -4.78
C ALA A 79 -5.86 1.73 -4.42
N GLY A 80 -6.00 2.85 -5.13
CA GLY A 80 -5.18 4.03 -4.90
C GLY A 80 -5.20 4.56 -3.48
N SER A 81 -6.27 4.24 -2.75
CA SER A 81 -6.51 4.80 -1.42
C SER A 81 -5.88 4.01 -0.27
N VAL A 82 -5.45 2.79 -0.58
CA VAL A 82 -5.00 1.85 0.43
C VAL A 82 -3.83 2.36 1.29
N PRO A 83 -2.75 2.89 0.67
CA PRO A 83 -1.63 3.40 1.46
C PRO A 83 -2.03 4.57 2.39
N HIS A 84 -2.98 5.38 1.94
CA HIS A 84 -3.48 6.53 2.72
C HIS A 84 -4.26 6.09 3.96
N VAL A 85 -5.20 5.16 3.76
CA VAL A 85 -6.02 4.63 4.84
C VAL A 85 -5.14 3.91 5.85
N ASN A 86 -4.19 3.13 5.37
CA ASN A 86 -3.30 2.36 6.23
C ASN A 86 -2.51 3.18 7.25
N ARG A 87 -2.10 4.38 6.84
CA ARG A 87 -1.32 5.26 7.69
C ARG A 87 -2.22 6.24 8.43
N ASN A 88 -3.19 6.82 7.72
CA ASN A 88 -3.98 7.93 8.26
C ASN A 88 -5.35 7.56 8.84
N GLY A 89 -5.81 6.33 8.57
CA GLY A 89 -7.18 5.95 8.88
C GLY A 89 -8.14 6.70 7.96
N PHE A 90 -9.31 7.05 8.48
CA PHE A 90 -10.30 7.77 7.69
C PHE A 90 -10.41 9.24 8.14
N ASN A 91 -9.31 9.98 7.97
CA ASN A 91 -9.18 11.37 8.42
C ASN A 91 -9.74 12.39 7.41
N ARG A 92 -9.62 13.67 7.75
CA ARG A 92 -9.94 14.76 6.84
C ARG A 92 -8.74 15.11 5.94
N GLY A 105 -18.13 13.73 6.15
CA GLY A 105 -17.81 12.56 6.96
C GLY A 105 -17.56 11.30 6.14
N THR A 106 -17.21 10.21 6.81
CA THR A 106 -16.93 8.92 6.16
C THR A 106 -18.05 7.89 6.40
N TYR A 107 -18.52 7.27 5.31
CA TYR A 107 -19.60 6.28 5.36
C TYR A 107 -19.09 4.86 5.56
N PHE A 108 -19.87 4.06 6.29
CA PHE A 108 -19.58 2.65 6.52
C PHE A 108 -20.87 1.84 6.39
N ALA A 109 -20.74 0.62 5.88
CA ALA A 109 -21.90 -0.24 5.65
C ALA A 109 -21.97 -1.37 6.68
N VAL A 110 -23.19 -1.75 7.02
CA VAL A 110 -23.42 -2.90 7.89
C VAL A 110 -23.13 -4.18 7.11
N ASN A 111 -23.65 -4.24 5.88
CA ASN A 111 -23.50 -5.42 5.03
C ASN A 111 -22.47 -5.18 3.94
N ALA A 112 -21.60 -6.17 3.72
CA ALA A 112 -20.48 -6.05 2.77
C ALA A 112 -20.89 -5.71 1.35
N ASN A 113 -21.99 -6.28 0.88
CA ASN A 113 -22.42 -6.12 -0.52
C ASN A 113 -22.68 -4.68 -0.93
N TYR A 114 -23.02 -3.84 0.05
CA TYR A 114 -23.23 -2.43 -0.16
C TYR A 114 -21.90 -1.73 -0.54
N SER A 115 -20.84 -2.10 0.18
CA SER A 115 -19.51 -1.53 -0.04
C SER A 115 -18.85 -2.16 -1.27
N ALA A 116 -19.45 -3.24 -1.76
CA ALA A 116 -18.95 -3.97 -2.93
C ALA A 116 -19.38 -3.32 -4.24
N ASN A 117 -20.21 -2.27 -4.15
CA ASN A 117 -20.60 -1.48 -5.31
C ASN A 117 -19.37 -0.88 -5.99
N ASP A 118 -19.34 -0.95 -7.32
CA ASP A 118 -18.18 -0.52 -8.11
C ASP A 118 -17.82 0.96 -7.98
N THR A 119 -18.75 1.78 -7.49
CA THR A 119 -18.52 3.21 -7.33
C THR A 119 -17.65 3.48 -6.10
N TYR A 120 -17.68 2.57 -5.14
CA TYR A 120 -16.89 2.71 -3.93
C TYR A 120 -15.58 1.95 -4.05
N SER A 121 -15.67 0.64 -4.21
CA SER A 121 -14.52 -0.20 -4.43
C SER A 121 -14.36 -0.50 -5.92
N ARG A 122 -13.77 0.45 -6.65
CA ARG A 122 -13.51 0.28 -8.09
C ARG A 122 -12.60 -0.90 -8.38
N PRO A 123 -12.91 -1.68 -9.43
CA PRO A 123 -11.96 -2.68 -9.94
C PRO A 123 -10.70 -2.04 -10.52
N ASP A 124 -9.53 -2.44 -10.02
CA ASP A 124 -8.24 -1.98 -10.55
C ASP A 124 -8.00 -2.58 -11.95
N ALA A 125 -6.82 -2.35 -12.52
CA ALA A 125 -6.50 -2.86 -13.86
C ALA A 125 -6.71 -4.37 -14.04
N ASN A 126 -6.74 -5.12 -12.93
CA ASN A 126 -6.85 -6.58 -12.97
C ASN A 126 -8.22 -7.12 -12.53
N GLY A 127 -9.17 -6.23 -12.30
CA GLY A 127 -10.50 -6.61 -11.83
C GLY A 127 -10.59 -6.79 -10.33
N ARG A 128 -9.56 -6.33 -9.61
CA ARG A 128 -9.47 -6.52 -8.16
C ARG A 128 -10.14 -5.37 -7.40
N LYS A 129 -10.94 -5.75 -6.41
CA LYS A 129 -11.74 -4.81 -5.61
C LYS A 129 -11.31 -4.83 -4.15
N HIS A 130 -11.43 -3.68 -3.48
CA HIS A 130 -10.91 -3.49 -2.13
C HIS A 130 -11.93 -2.96 -1.12
N VAL A 131 -12.20 -3.75 -0.09
CA VAL A 131 -13.12 -3.37 0.97
C VAL A 131 -12.44 -3.57 2.32
N TYR A 132 -12.41 -2.51 3.12
CA TYR A 132 -11.89 -2.58 4.48
C TYR A 132 -12.96 -3.08 5.45
N TYR A 133 -12.54 -3.82 6.47
CA TYR A 133 -13.42 -4.25 7.56
C TYR A 133 -12.99 -3.50 8.82
N VAL A 134 -13.81 -2.53 9.20
CA VAL A 134 -13.40 -1.45 10.10
C VAL A 134 -14.07 -1.53 11.49
N ARG A 135 -13.27 -1.34 12.53
CA ARG A 135 -13.78 -1.14 13.89
C ARG A 135 -14.18 0.32 14.02
N VAL A 136 -15.49 0.57 14.08
CA VAL A 136 -16.01 1.93 14.14
C VAL A 136 -16.71 2.20 15.48
N LEU A 137 -16.45 3.37 16.06
CA LEU A 137 -17.10 3.78 17.30
C LEU A 137 -18.42 4.50 17.02
N THR A 138 -19.46 3.69 16.80
CA THR A 138 -20.80 4.18 16.48
C THR A 138 -21.46 4.90 17.64
N GLY A 139 -21.26 4.38 18.85
CA GLY A 139 -21.80 4.95 20.08
C GLY A 139 -23.28 5.21 20.03
N ILE A 140 -23.68 6.44 20.36
CA ILE A 140 -25.08 6.81 20.29
C ILE A 140 -25.31 7.56 18.98
N TYR A 141 -26.41 7.27 18.30
CA TYR A 141 -26.61 7.78 16.94
C TYR A 141 -28.06 8.11 16.56
N THR A 142 -28.22 8.91 15.51
CA THR A 142 -29.54 9.37 15.04
C THR A 142 -29.65 9.44 13.50
N HIS A 143 -30.79 9.93 13.00
CA HIS A 143 -31.09 9.98 11.55
C HIS A 143 -30.22 10.96 10.76
N PRO A 151 -22.92 16.73 11.97
CA PRO A 151 -22.88 15.94 13.20
C PRO A 151 -23.73 16.56 14.34
N PRO A 152 -25.06 16.27 14.36
CA PRO A 152 -26.04 16.91 15.26
C PRO A 152 -25.80 16.76 16.76
N SER A 153 -26.52 17.55 17.56
CA SER A 153 -26.38 17.57 19.02
C SER A 153 -27.52 16.84 19.74
N LYS A 154 -27.17 16.15 20.84
CA LYS A 154 -28.13 15.41 21.66
C LYS A 154 -29.27 16.31 22.14
N ASN A 155 -28.89 17.47 22.68
CA ASN A 155 -29.82 18.46 23.19
C ASN A 155 -29.42 19.82 22.63
N PRO A 156 -30.31 20.45 21.82
CA PRO A 156 -30.05 21.78 21.26
C PRO A 156 -29.73 22.87 22.31
N GLN A 157 -30.01 22.60 23.59
CA GLN A 157 -29.65 23.49 24.70
C GLN A 157 -28.19 23.31 25.13
N ASN A 158 -27.62 22.15 24.83
CA ASN A 158 -26.22 21.84 25.14
C ASN A 158 -25.48 21.37 23.87
N PRO A 159 -25.16 22.31 22.95
CA PRO A 159 -24.65 21.97 21.61
C PRO A 159 -23.16 21.56 21.53
N THR A 160 -22.54 21.36 22.69
CA THR A 160 -21.15 20.90 22.76
C THR A 160 -21.07 19.37 22.77
N ASP A 161 -22.06 18.74 23.39
CA ASP A 161 -22.16 17.27 23.44
C ASP A 161 -23.05 16.76 22.30
N LEU A 162 -22.40 16.26 21.25
CA LEU A 162 -23.08 15.84 20.02
C LEU A 162 -23.34 14.33 19.98
N TYR A 163 -24.02 13.87 18.94
CA TYR A 163 -24.17 12.44 18.66
C TYR A 163 -22.85 11.88 18.16
N ASP A 164 -22.63 10.59 18.37
CA ASP A 164 -21.37 9.96 17.98
C ASP A 164 -21.26 9.70 16.49
N THR A 165 -22.33 9.15 15.91
CA THR A 165 -22.42 8.97 14.46
C THR A 165 -23.83 9.35 14.01
N VAL A 166 -24.06 9.37 12.71
CA VAL A 166 -25.43 9.40 12.20
C VAL A 166 -25.66 8.11 11.41
N THR A 167 -26.94 7.77 11.20
CA THR A 167 -27.32 6.56 10.45
C THR A 167 -28.48 6.89 9.52
N ASP A 168 -28.84 5.95 8.66
CA ASP A 168 -29.97 6.13 7.76
C ASP A 168 -31.29 5.80 8.46
N ASN A 169 -31.24 4.81 9.35
CA ASN A 169 -32.40 4.34 10.10
C ASN A 169 -31.96 3.83 11.47
N VAL A 170 -32.57 4.37 12.52
CA VAL A 170 -32.10 4.08 13.89
C VAL A 170 -32.36 2.64 14.33
N HIS A 171 -33.51 2.09 13.95
CA HIS A 171 -33.88 0.75 14.39
C HIS A 171 -33.43 -0.37 13.43
N HIS A 172 -33.38 -0.05 12.14
CA HIS A 172 -32.88 -0.99 11.14
C HIS A 172 -31.78 -0.35 10.30
N PRO A 173 -30.59 -0.11 10.89
CA PRO A 173 -29.51 0.60 10.20
C PRO A 173 -28.83 -0.25 9.15
N SER A 174 -28.48 0.37 8.03
CA SER A 174 -27.66 -0.26 7.00
C SER A 174 -26.35 0.50 6.78
N LEU A 175 -26.30 1.75 7.25
CA LEU A 175 -25.09 2.57 7.15
C LEU A 175 -24.89 3.49 8.34
N PHE A 176 -23.62 3.77 8.67
CA PHE A 176 -23.25 4.74 9.69
C PHE A 176 -22.22 5.71 9.13
N VAL A 177 -22.28 6.95 9.60
CA VAL A 177 -21.35 7.99 9.14
C VAL A 177 -20.59 8.58 10.32
N ALA A 178 -19.28 8.41 10.33
CA ALA A 178 -18.41 8.99 11.37
C ALA A 178 -17.80 10.30 10.89
N PHE A 179 -17.49 11.20 11.83
CA PHE A 179 -16.98 12.52 11.49
C PHE A 179 -15.62 12.83 12.13
N TYR A 180 -15.51 12.53 13.42
CA TYR A 180 -14.28 12.81 14.18
C TYR A 180 -13.17 11.80 13.83
N ASP A 181 -11.93 12.25 13.93
CA ASP A 181 -10.76 11.41 13.67
C ASP A 181 -10.59 10.36 14.77
N TYR A 182 -9.96 9.25 14.40
CA TYR A 182 -9.68 8.14 15.32
C TYR A 182 -10.94 7.44 15.83
N GLN A 183 -12.04 7.64 15.10
CA GLN A 183 -13.32 7.02 15.43
C GLN A 183 -13.47 5.66 14.72
N ALA A 184 -12.56 5.39 13.79
CA ALA A 184 -12.61 4.16 13.00
C ALA A 184 -11.22 3.61 12.74
N TYR A 185 -11.01 2.34 13.08
CA TYR A 185 -9.75 1.67 12.82
C TYR A 185 -9.85 0.64 11.69
N PRO A 186 -9.05 0.82 10.62
CA PRO A 186 -9.14 -0.06 9.46
C PRO A 186 -8.36 -1.36 9.69
N GLU A 187 -8.98 -2.28 10.41
CA GLU A 187 -8.32 -3.50 10.88
C GLU A 187 -7.90 -4.43 9.76
N TYR A 188 -8.82 -4.73 8.84
CA TYR A 188 -8.56 -5.70 7.78
C TYR A 188 -8.81 -5.10 6.41
N LEU A 189 -8.01 -5.55 5.43
CA LEU A 189 -8.26 -5.23 4.05
C LEU A 189 -8.60 -6.48 3.26
N ILE A 190 -9.75 -6.44 2.59
CA ILE A 190 -10.20 -7.55 1.77
C ILE A 190 -10.04 -7.22 0.29
N THR A 191 -9.17 -7.98 -0.37
CA THR A 191 -9.00 -7.91 -1.83
C THR A 191 -9.77 -9.05 -2.46
N PHE A 192 -10.64 -8.75 -3.42
CA PHE A 192 -11.49 -9.75 -4.04
C PHE A 192 -11.82 -9.43 -5.50
N ARG A 193 -12.51 -10.36 -6.18
CA ARG A 193 -12.88 -10.19 -7.59
C ARG A 193 -14.21 -10.86 -7.94
N LYS A 194 -14.68 -10.63 -9.16
CA LYS A 194 -15.94 -11.18 -9.64
C LYS A 194 -15.90 -12.69 -9.84
N MET B 5 6.82 -20.21 -0.11
CA MET B 5 5.89 -20.21 1.06
C MET B 5 6.12 -18.99 1.97
N LYS B 6 6.92 -18.03 1.49
CA LYS B 6 7.19 -16.80 2.23
C LYS B 6 6.00 -15.85 2.18
N GLN B 7 5.60 -15.35 3.36
CA GLN B 7 4.50 -14.38 3.49
C GLN B 7 4.86 -13.07 2.81
N GLN B 8 6.10 -12.65 3.04
CA GLN B 8 6.64 -11.38 2.55
C GLN B 8 5.85 -10.16 3.03
N ASN B 9 5.41 -10.23 4.29
CA ASN B 9 4.83 -9.09 4.98
C ASN B 9 5.83 -7.96 5.08
N PHE B 10 5.32 -6.73 5.23
CA PHE B 10 6.17 -5.56 5.21
C PHE B 10 5.72 -4.51 6.22
N CYS B 11 6.61 -3.56 6.51
CA CYS B 11 6.25 -2.37 7.26
C CYS B 11 6.69 -1.14 6.49
N VAL B 12 5.91 -0.08 6.58
CA VAL B 12 6.25 1.17 5.93
C VAL B 12 6.66 2.16 7.03
N VAL B 13 7.94 2.52 7.04
CA VAL B 13 8.48 3.46 8.01
C VAL B 13 8.82 4.75 7.30
N GLU B 14 8.26 5.86 7.78
CA GLU B 14 8.52 7.17 7.20
C GLU B 14 9.88 7.69 7.67
N LEU B 15 10.61 8.34 6.77
CA LEU B 15 11.83 9.05 7.13
C LEU B 15 11.48 10.44 7.64
N LEU B 16 12.03 10.81 8.79
CA LEU B 16 11.95 12.20 9.25
C LEU B 16 12.85 13.05 8.35
N PRO B 17 12.39 14.26 7.96
CA PRO B 17 13.23 15.18 7.19
C PRO B 17 14.64 15.27 7.76
N SER B 18 14.76 15.17 9.08
CA SER B 18 16.05 15.22 9.78
C SER B 18 16.87 13.92 9.74
N ASP B 19 16.32 12.85 9.18
CA ASP B 19 17.08 11.60 9.06
C ASP B 19 18.06 11.71 7.90
N PRO B 20 19.33 11.37 8.15
CA PRO B 20 20.37 11.44 7.11
C PRO B 20 19.90 10.86 5.77
N GLU B 21 19.32 9.67 5.82
CA GLU B 21 18.84 8.94 4.64
C GLU B 21 17.95 9.79 3.73
N TYR B 22 17.10 10.60 4.34
CA TYR B 22 16.21 11.50 3.62
C TYR B 22 16.98 12.39 2.66
N ASN B 23 18.08 13.00 3.12
CA ASN B 23 18.91 13.87 2.28
C ASN B 23 19.54 13.12 1.12
N THR B 24 19.99 11.90 1.40
CA THR B 24 20.65 11.07 0.39
C THR B 24 19.70 10.77 -0.76
N VAL B 25 18.47 10.39 -0.41
CA VAL B 25 17.44 10.10 -1.41
C VAL B 25 16.96 11.40 -2.08
N ALA B 26 16.76 12.44 -1.28
CA ALA B 26 16.33 13.75 -1.80
C ALA B 26 17.33 14.37 -2.76
N SER B 27 18.62 14.29 -2.42
CA SER B 27 19.68 14.77 -3.33
C SER B 27 19.62 14.08 -4.67
N LYS B 28 19.56 12.75 -4.66
CA LYS B 28 19.52 12.00 -5.90
C LYS B 28 18.29 12.41 -6.71
N PHE B 29 17.10 12.21 -6.12
CA PHE B 29 15.85 12.65 -6.74
C PHE B 29 15.93 14.06 -7.35
N ASN B 30 16.52 14.99 -6.60
CA ASN B 30 16.58 16.39 -7.01
C ASN B 30 17.52 16.73 -8.17
N GLN B 31 18.34 15.77 -8.58
CA GLN B 31 19.23 16.01 -9.72
C GLN B 31 18.45 16.32 -10.99
N THR B 32 17.26 15.74 -11.12
CA THR B 32 16.41 15.98 -12.30
C THR B 32 14.98 16.38 -11.94
N CYS B 33 14.65 16.36 -10.65
CA CYS B 33 13.26 16.56 -10.21
C CYS B 33 13.04 17.58 -9.09
N SER B 34 13.89 18.61 -9.02
CA SER B 34 13.71 19.67 -8.01
C SER B 34 12.50 20.59 -8.26
N HIS B 35 11.93 20.54 -9.46
CA HIS B 35 10.70 21.27 -9.78
C HIS B 35 9.43 20.58 -9.22
N PHE B 36 9.56 19.35 -8.75
CA PHE B 36 8.50 18.69 -8.02
C PHE B 36 8.62 18.97 -6.53
N ARG B 37 7.53 18.85 -5.80
CA ARG B 37 7.52 19.13 -4.37
C ARG B 37 7.37 17.81 -3.59
N ILE B 38 8.41 17.44 -2.85
CA ILE B 38 8.41 16.20 -2.07
C ILE B 38 7.49 16.28 -0.85
N GLU B 39 6.50 15.38 -0.78
CA GLU B 39 5.61 15.28 0.38
C GLU B 39 6.19 14.41 1.51
N LYS B 40 6.64 13.22 1.17
CA LYS B 40 7.35 12.36 2.12
C LYS B 40 8.23 11.31 1.43
N ILE B 41 9.16 10.76 2.22
CA ILE B 41 9.95 9.63 1.81
C ILE B 41 9.78 8.55 2.88
N GLU B 42 9.44 7.35 2.42
CA GLU B 42 9.25 6.22 3.30
C GLU B 42 10.25 5.13 2.95
N ARG B 43 10.61 4.33 3.95
CA ARG B 43 11.44 3.15 3.76
C ARG B 43 10.55 1.92 3.86
N ILE B 44 10.70 1.01 2.90
CA ILE B 44 9.90 -0.21 2.89
C ILE B 44 10.69 -1.33 3.55
N GLN B 45 10.20 -1.81 4.69
CA GLN B 45 10.88 -2.88 5.43
C GLN B 45 10.19 -4.23 5.25
N ASN B 46 10.69 -5.00 4.29
CA ASN B 46 10.16 -6.31 3.99
C ASN B 46 11.27 -7.36 4.15
N PRO B 47 11.34 -8.01 5.33
CA PRO B 47 12.41 -8.96 5.67
C PRO B 47 12.57 -10.15 4.72
N ASP B 48 11.47 -10.71 4.23
CA ASP B 48 11.53 -11.83 3.29
C ASP B 48 12.05 -11.39 1.93
N LEU B 49 11.44 -10.34 1.39
CA LEU B 49 11.82 -9.80 0.09
C LEU B 49 13.28 -9.35 0.09
N TRP B 50 13.73 -8.82 1.22
CA TRP B 50 15.11 -8.42 1.42
C TRP B 50 16.02 -9.64 1.35
N ASN B 51 15.76 -10.59 2.24
CA ASN B 51 16.54 -11.83 2.30
C ASN B 51 16.77 -12.47 0.93
N SER B 52 15.70 -12.61 0.16
CA SER B 52 15.77 -13.11 -1.21
C SER B 52 16.73 -12.25 -2.05
N TYR B 53 16.38 -10.98 -2.22
CA TYR B 53 17.24 -10.03 -2.92
C TYR B 53 18.73 -10.24 -2.58
N GLN B 54 19.05 -10.29 -1.29
CA GLN B 54 20.43 -10.45 -0.81
C GLN B 54 21.07 -11.78 -1.20
N ALA B 55 20.25 -12.83 -1.27
CA ALA B 55 20.71 -14.14 -1.71
C ALA B 55 21.10 -14.11 -3.19
N LYS B 56 20.21 -13.54 -4.01
CA LYS B 56 20.46 -13.41 -5.44
C LYS B 56 21.67 -12.52 -5.70
N LYS B 57 21.86 -11.52 -4.83
CA LYS B 57 23.05 -10.65 -4.89
C LYS B 57 24.32 -11.40 -4.53
N LYS B 58 24.24 -12.25 -3.51
CA LYS B 58 25.37 -13.09 -3.11
C LYS B 58 25.81 -13.99 -4.27
N THR B 59 24.86 -14.63 -4.95
CA THR B 59 25.15 -15.45 -6.13
C THR B 59 25.84 -14.62 -7.19
N MET B 60 25.37 -13.38 -7.34
CA MET B 60 25.79 -12.53 -8.44
C MET B 60 27.17 -11.96 -8.19
N ASP B 61 27.43 -11.57 -6.94
CA ASP B 61 28.73 -11.02 -6.57
C ASP B 61 29.86 -12.02 -6.76
N ALA B 62 29.60 -13.28 -6.40
CA ALA B 62 30.60 -14.34 -6.59
C ALA B 62 30.73 -14.80 -8.05
N LYS B 63 29.85 -14.31 -8.93
CA LYS B 63 29.83 -14.74 -10.33
C LYS B 63 30.32 -13.68 -11.33
N ASN B 64 30.34 -12.42 -10.92
CA ASN B 64 30.68 -11.32 -11.83
C ASN B 64 31.99 -10.59 -11.54
N GLY B 65 32.81 -11.16 -10.66
CA GLY B 65 34.15 -10.67 -10.39
C GLY B 65 34.21 -9.24 -9.90
N GLN B 66 34.89 -8.39 -10.67
CA GLN B 66 35.06 -6.96 -10.32
C GLN B 66 33.80 -6.12 -10.53
N THR B 67 32.81 -6.67 -11.24
CA THR B 67 31.58 -5.95 -11.54
C THR B 67 30.83 -5.53 -10.28
N MET B 68 30.55 -4.22 -10.20
CA MET B 68 29.65 -3.67 -9.18
C MET B 68 28.23 -3.91 -9.67
N ASN B 69 27.53 -4.82 -9.01
CA ASN B 69 26.30 -5.38 -9.55
C ASN B 69 25.07 -4.55 -9.26
N GLU B 70 25.13 -3.81 -8.17
CA GLU B 70 23.98 -3.09 -7.67
C GLU B 70 24.02 -1.64 -8.11
N LYS B 71 22.86 -1.13 -8.49
CA LYS B 71 22.68 0.27 -8.78
C LYS B 71 21.42 0.70 -8.07
N GLN B 72 21.31 1.99 -7.79
CA GLN B 72 20.08 2.55 -7.25
C GLN B 72 19.38 3.35 -8.33
N LEU B 73 18.21 2.86 -8.75
CA LEU B 73 17.47 3.42 -9.88
C LEU B 73 16.03 3.75 -9.47
N PHE B 74 15.29 4.40 -10.36
CA PHE B 74 13.95 4.89 -10.05
C PHE B 74 12.88 4.12 -10.79
N HIS B 75 11.68 4.07 -10.22
CA HIS B 75 10.54 3.43 -10.87
C HIS B 75 9.22 4.09 -10.48
N GLY B 76 8.55 4.68 -11.45
CA GLY B 76 7.27 5.33 -11.22
C GLY B 76 6.15 4.34 -11.33
N THR B 77 5.13 4.51 -10.49
CA THR B 77 3.96 3.63 -10.51
C THR B 77 2.77 4.34 -9.90
N ASP B 78 1.57 3.83 -10.19
CA ASP B 78 0.33 4.36 -9.60
C ASP B 78 0.18 3.92 -8.16
N ALA B 79 -0.60 4.68 -7.39
CA ALA B 79 -0.84 4.39 -5.97
C ALA B 79 -1.39 2.99 -5.74
N GLY B 80 -2.31 2.56 -6.62
CA GLY B 80 -2.91 1.22 -6.53
C GLY B 80 -1.89 0.09 -6.51
N SER B 81 -0.79 0.27 -7.24
CA SER B 81 0.27 -0.74 -7.31
C SER B 81 1.26 -0.70 -6.15
N VAL B 82 1.13 0.30 -5.27
CA VAL B 82 2.07 0.47 -4.16
C VAL B 82 2.05 -0.70 -3.17
N PRO B 83 0.86 -1.12 -2.69
CA PRO B 83 0.83 -2.27 -1.78
C PRO B 83 1.41 -3.55 -2.38
N HIS B 84 1.15 -3.78 -3.68
CA HIS B 84 1.69 -4.94 -4.40
C HIS B 84 3.23 -4.94 -4.41
N VAL B 85 3.80 -3.80 -4.78
CA VAL B 85 5.25 -3.66 -4.88
C VAL B 85 5.90 -3.87 -3.52
N ASN B 86 5.26 -3.35 -2.48
CA ASN B 86 5.81 -3.43 -1.12
C ASN B 86 5.94 -4.85 -0.59
N ARG B 87 5.00 -5.71 -0.97
CA ARG B 87 4.98 -7.09 -0.54
C ARG B 87 5.81 -7.98 -1.48
N ASN B 88 5.66 -7.74 -2.79
CA ASN B 88 6.18 -8.66 -3.82
C ASN B 88 7.39 -8.19 -4.60
N GLY B 89 7.66 -6.89 -4.57
CA GLY B 89 8.69 -6.29 -5.42
C GLY B 89 8.19 -6.24 -6.84
N PHE B 90 9.12 -6.26 -7.78
CA PHE B 90 8.76 -6.16 -9.18
C PHE B 90 8.81 -7.56 -9.81
N ASN B 91 8.02 -8.46 -9.23
CA ASN B 91 8.00 -9.87 -9.60
C ASN B 91 7.39 -10.15 -10.97
N ARG B 92 7.40 -11.43 -11.34
CA ARG B 92 6.72 -11.96 -12.53
C ARG B 92 5.33 -11.35 -12.67
N SER B 93 4.52 -11.48 -11.61
CA SER B 93 3.15 -11.01 -11.56
C SER B 93 2.99 -9.52 -11.88
N TYR B 94 3.85 -8.68 -11.28
CA TYR B 94 3.79 -7.22 -11.44
C TYR B 94 3.87 -6.74 -12.89
N ALA B 95 4.71 -7.39 -13.70
CA ALA B 95 4.83 -7.07 -15.13
C ALA B 95 3.65 -7.61 -15.95
N GLY B 96 2.56 -6.84 -15.97
CA GLY B 96 1.35 -7.20 -16.71
C GLY B 96 0.19 -6.27 -16.43
N GLY B 105 9.75 -7.74 -18.74
CA GLY B 105 10.58 -7.22 -17.66
C GLY B 105 10.07 -5.92 -17.04
N THR B 106 10.74 -5.46 -15.99
CA THR B 106 10.42 -4.19 -15.34
C THR B 106 11.48 -3.12 -15.61
N TYR B 107 11.03 -1.94 -16.08
CA TYR B 107 11.92 -0.82 -16.44
C TYR B 107 12.28 0.07 -15.26
N PHE B 108 13.54 0.48 -15.20
CA PHE B 108 14.05 1.34 -14.14
C PHE B 108 14.87 2.47 -14.75
N ALA B 109 14.71 3.67 -14.21
CA ALA B 109 15.38 4.86 -14.75
C ALA B 109 16.62 5.18 -13.96
N VAL B 110 17.66 5.66 -14.64
CA VAL B 110 18.86 6.16 -13.97
C VAL B 110 18.52 7.49 -13.31
N ASN B 111 17.78 8.33 -14.02
CA ASN B 111 17.32 9.62 -13.52
C ASN B 111 15.83 9.66 -13.25
N ALA B 112 15.46 10.25 -12.11
CA ALA B 112 14.10 10.30 -11.61
C ALA B 112 13.06 10.92 -12.56
N ASN B 113 13.49 11.85 -13.40
CA ASN B 113 12.56 12.58 -14.28
C ASN B 113 11.79 11.69 -15.25
N TYR B 114 12.44 10.64 -15.75
CA TYR B 114 11.79 9.68 -16.64
C TYR B 114 10.64 8.95 -15.95
N SER B 115 10.87 8.56 -14.70
CA SER B 115 9.85 7.90 -13.87
C SER B 115 8.80 8.87 -13.32
N ALA B 116 9.13 10.17 -13.34
CA ALA B 116 8.23 11.21 -12.83
C ALA B 116 7.09 11.50 -13.82
N ASN B 117 7.24 10.98 -15.04
CA ASN B 117 6.22 11.05 -16.07
C ASN B 117 4.87 10.53 -15.56
N ASP B 118 3.80 11.27 -15.86
CA ASP B 118 2.43 10.92 -15.41
C ASP B 118 1.95 9.55 -15.92
N THR B 119 2.56 9.07 -17.00
CA THR B 119 2.23 7.76 -17.56
C THR B 119 2.68 6.66 -16.62
N TYR B 120 3.77 6.89 -15.89
CA TYR B 120 4.28 5.91 -14.94
C TYR B 120 3.83 6.23 -13.51
N SER B 121 4.23 7.38 -12.98
CA SER B 121 3.80 7.80 -11.65
C SER B 121 2.53 8.63 -11.73
N ARG B 122 1.43 7.96 -12.06
CA ARG B 122 0.12 8.59 -12.22
C ARG B 122 -0.35 9.26 -10.93
N PRO B 123 -0.71 10.56 -11.01
CA PRO B 123 -1.29 11.26 -9.86
C PRO B 123 -2.61 10.61 -9.40
N ASP B 124 -2.75 10.43 -8.09
CA ASP B 124 -3.99 9.92 -7.50
C ASP B 124 -5.03 11.05 -7.36
N ALA B 125 -6.07 10.80 -6.56
CA ALA B 125 -7.14 11.79 -6.34
C ALA B 125 -6.61 13.12 -5.80
N ASN B 126 -5.65 13.05 -4.88
CA ASN B 126 -5.04 14.25 -4.29
C ASN B 126 -3.87 14.83 -5.10
N GLY B 127 -3.59 14.23 -6.25
CA GLY B 127 -2.49 14.68 -7.10
C GLY B 127 -1.12 14.17 -6.68
N ARG B 128 -1.09 13.26 -5.70
CA ARG B 128 0.15 12.68 -5.23
C ARG B 128 0.71 11.67 -6.23
N LYS B 129 2.01 11.77 -6.50
CA LYS B 129 2.72 10.88 -7.42
C LYS B 129 3.71 10.03 -6.64
N HIS B 130 3.98 8.82 -7.14
CA HIS B 130 4.83 7.86 -6.43
C HIS B 130 5.97 7.30 -7.27
N VAL B 131 7.19 7.42 -6.76
CA VAL B 131 8.36 6.90 -7.44
C VAL B 131 9.24 6.22 -6.39
N TYR B 132 9.59 4.97 -6.67
CA TYR B 132 10.47 4.22 -5.79
C TYR B 132 11.93 4.49 -6.14
N TYR B 133 12.78 4.49 -5.12
CA TYR B 133 14.22 4.52 -5.33
C TYR B 133 14.69 3.13 -4.95
N VAL B 134 15.01 2.34 -5.98
CA VAL B 134 15.13 0.87 -5.91
C VAL B 134 16.58 0.42 -6.02
N ARG B 135 16.96 -0.56 -5.20
CA ARG B 135 18.24 -1.24 -5.36
C ARG B 135 18.08 -2.34 -6.42
N VAL B 136 18.81 -2.22 -7.53
CA VAL B 136 18.67 -3.18 -8.62
C VAL B 136 19.98 -3.90 -8.91
N LEU B 137 19.90 -5.21 -9.12
CA LEU B 137 21.06 -6.00 -9.53
C LEU B 137 21.24 -5.95 -11.05
N THR B 138 21.87 -4.88 -11.52
CA THR B 138 22.13 -4.68 -12.94
C THR B 138 23.19 -5.63 -13.50
N GLY B 139 24.19 -5.94 -12.68
CA GLY B 139 25.27 -6.86 -13.04
C GLY B 139 25.87 -6.57 -14.39
N ILE B 140 25.88 -7.58 -15.25
CA ILE B 140 26.42 -7.44 -16.58
C ILE B 140 25.27 -7.29 -17.56
N TYR B 141 25.34 -6.28 -18.43
CA TYR B 141 24.22 -5.92 -19.28
C TYR B 141 24.62 -5.59 -20.71
N THR B 142 23.66 -5.71 -21.62
CA THR B 142 23.88 -5.46 -23.06
C THR B 142 22.77 -4.55 -23.63
N HIS B 143 22.77 -4.33 -24.94
CA HIS B 143 21.78 -3.46 -25.60
C HIS B 143 20.38 -4.10 -25.71
N LEU B 148 11.24 -7.74 -27.26
CA LEU B 148 11.08 -9.14 -26.82
C LEU B 148 11.38 -9.31 -25.31
N ILE B 149 10.85 -10.39 -24.73
CA ILE B 149 11.08 -10.75 -23.31
C ILE B 149 12.44 -11.40 -23.11
N VAL B 150 12.69 -11.95 -21.92
CA VAL B 150 13.95 -12.62 -21.52
C VAL B 150 15.27 -11.90 -21.90
N PRO B 151 16.27 -11.94 -21.00
CA PRO B 151 17.55 -11.34 -21.36
C PRO B 151 18.32 -12.24 -22.34
N PRO B 152 19.15 -11.64 -23.22
CA PRO B 152 19.93 -12.48 -24.15
C PRO B 152 21.05 -13.25 -23.42
N SER B 153 21.62 -14.24 -24.09
CA SER B 153 22.74 -15.00 -23.51
C SER B 153 24.09 -14.36 -23.82
N LYS B 154 25.00 -14.44 -22.85
CA LYS B 154 26.34 -13.90 -23.01
C LYS B 154 27.07 -14.68 -24.09
N ASN B 155 27.14 -15.99 -23.90
CA ASN B 155 27.89 -16.88 -24.79
C ASN B 155 26.97 -17.84 -25.56
N PRO B 156 27.01 -17.79 -26.91
CA PRO B 156 26.26 -18.75 -27.72
C PRO B 156 26.73 -20.21 -27.61
N GLN B 157 27.92 -20.43 -27.02
CA GLN B 157 28.42 -21.78 -26.74
C GLN B 157 28.12 -22.19 -25.28
N ASN B 158 27.22 -21.43 -24.67
CA ASN B 158 26.76 -21.63 -23.28
C ASN B 158 25.49 -20.81 -23.10
N PRO B 159 24.43 -21.12 -23.87
CA PRO B 159 23.28 -20.20 -24.03
C PRO B 159 22.38 -20.06 -22.81
N THR B 160 22.65 -20.82 -21.76
CA THR B 160 21.90 -20.71 -20.50
C THR B 160 22.45 -19.60 -19.59
N ASP B 161 23.74 -19.28 -19.75
CA ASP B 161 24.35 -18.15 -19.04
C ASP B 161 23.92 -16.84 -19.71
N LEU B 162 23.07 -16.08 -19.01
CA LEU B 162 22.44 -14.90 -19.58
C LEU B 162 22.94 -13.60 -18.96
N TYR B 163 22.70 -12.50 -19.67
CA TYR B 163 22.95 -11.17 -19.13
C TYR B 163 22.01 -10.92 -17.97
N ASP B 164 22.49 -10.22 -16.96
CA ASP B 164 21.70 -9.93 -15.78
C ASP B 164 20.55 -8.95 -16.09
N THR B 165 20.86 -7.89 -16.85
CA THR B 165 19.87 -6.89 -17.27
C THR B 165 20.10 -6.47 -18.73
N VAL B 166 19.21 -5.66 -19.28
CA VAL B 166 19.43 -5.02 -20.59
C VAL B 166 19.25 -3.50 -20.46
N THR B 167 19.81 -2.75 -21.41
CA THR B 167 19.81 -1.29 -21.33
C THR B 167 19.65 -0.65 -22.72
N ASP B 168 19.33 0.65 -22.73
CA ASP B 168 19.21 1.42 -23.97
C ASP B 168 20.56 1.74 -24.61
N ASN B 169 21.60 1.87 -23.78
CA ASN B 169 22.94 2.21 -24.23
C ASN B 169 23.94 1.68 -23.22
N VAL B 170 24.87 0.84 -23.67
CA VAL B 170 25.79 0.15 -22.77
C VAL B 170 26.79 1.08 -22.08
N HIS B 171 27.32 2.07 -22.80
CA HIS B 171 28.35 2.93 -22.25
C HIS B 171 27.81 4.22 -21.62
N HIS B 172 26.57 4.55 -21.95
CA HIS B 172 25.87 5.69 -21.34
C HIS B 172 24.39 5.34 -21.10
N PRO B 173 24.11 4.38 -20.19
CA PRO B 173 22.71 3.96 -19.95
C PRO B 173 21.86 5.03 -19.28
N SER B 174 20.57 5.06 -19.65
CA SER B 174 19.60 5.91 -19.00
C SER B 174 18.47 5.07 -18.39
N LEU B 175 18.37 3.81 -18.83
CA LEU B 175 17.39 2.87 -18.27
C LEU B 175 17.94 1.44 -18.22
N PHE B 176 17.36 0.62 -17.33
CA PHE B 176 17.68 -0.79 -17.25
C PHE B 176 16.39 -1.61 -17.13
N VAL B 177 16.38 -2.79 -17.75
CA VAL B 177 15.23 -3.70 -17.62
C VAL B 177 15.63 -4.97 -16.87
N ALA B 178 14.95 -5.26 -15.77
CA ALA B 178 15.16 -6.50 -15.00
C ALA B 178 14.04 -7.51 -15.27
N PHE B 179 14.40 -8.79 -15.38
CA PHE B 179 13.46 -9.82 -15.82
C PHE B 179 13.11 -10.84 -14.75
N TYR B 180 14.02 -11.05 -13.80
CA TYR B 180 13.86 -12.11 -12.80
C TYR B 180 13.28 -11.61 -11.49
N ASP B 181 12.70 -12.54 -10.74
CA ASP B 181 12.22 -12.27 -9.39
C ASP B 181 13.38 -11.92 -8.49
N TYR B 182 13.11 -11.07 -7.50
CA TYR B 182 14.06 -10.75 -6.44
C TYR B 182 15.36 -10.08 -6.92
N GLN B 183 15.28 -9.46 -8.10
CA GLN B 183 16.42 -8.77 -8.71
C GLN B 183 16.47 -7.31 -8.28
N ALA B 184 15.34 -6.81 -7.76
CA ALA B 184 15.21 -5.41 -7.33
C ALA B 184 14.48 -5.32 -6.00
N TYR B 185 14.97 -4.45 -5.11
CA TYR B 185 14.30 -4.22 -3.82
C TYR B 185 13.84 -2.77 -3.67
N PRO B 186 12.51 -2.56 -3.54
CA PRO B 186 11.93 -1.21 -3.44
C PRO B 186 12.20 -0.58 -2.09
N GLU B 187 13.44 -0.15 -1.88
CA GLU B 187 13.88 0.33 -0.57
C GLU B 187 13.17 1.60 -0.10
N TYR B 188 12.98 2.55 -1.01
CA TYR B 188 12.43 3.87 -0.67
C TYR B 188 11.29 4.22 -1.57
N LEU B 189 10.24 4.81 -0.99
CA LEU B 189 9.15 5.38 -1.77
C LEU B 189 9.10 6.88 -1.58
N ILE B 190 9.13 7.59 -2.69
CA ILE B 190 8.99 9.03 -2.69
C ILE B 190 7.58 9.40 -3.11
N THR B 191 6.93 10.21 -2.28
CA THR B 191 5.63 10.77 -2.58
C THR B 191 5.81 12.26 -2.83
N PHE B 192 5.28 12.75 -3.94
CA PHE B 192 5.48 14.13 -4.36
C PHE B 192 4.36 14.64 -5.24
N ARG B 193 4.35 15.95 -5.51
CA ARG B 193 3.31 16.56 -6.35
C ARG B 193 3.90 17.63 -7.26
N LYS B 194 3.11 18.05 -8.26
CA LYS B 194 3.52 19.10 -9.20
C LYS B 194 3.53 20.49 -8.57
C4 91J C . -13.55 7.54 -1.53
C5 91J C . -14.27 6.23 -1.91
C6 91J C . -15.67 6.27 -1.28
C8 91J C . -16.91 4.82 0.24
C10 91J C . -19.20 5.09 0.53
C13 91J C . -23.09 4.44 1.39
C15 91J C . -22.62 2.22 2.46
C17 91J C . -20.74 3.47 1.35
C24 91J C . -13.13 6.35 -4.19
C1 91J C . -11.50 8.09 -4.65
N2 91J C . -12.63 7.68 -3.80
C3 91J C . -12.27 7.72 -2.37
N7 91J C . -15.72 5.35 -0.14
N9 91J C . -17.99 5.56 0.16
S11 91J C . -20.76 5.89 0.52
C12 91J C . -21.58 4.48 1.13
C14 91J C . -23.54 2.98 1.49
C16 91J C . -21.21 2.11 1.88
C18 91J C . -19.34 3.78 1.00
C19 91J C . -18.15 2.98 1.07
O20 91J C . -18.18 1.83 1.45
N21 91J C . -16.97 3.53 0.68
C23 91J C . -14.44 6.07 -3.43
C4 91J D . 3.01 -0.86 -14.47
C5 91J D . 3.70 0.46 -14.06
C6 91J D . 4.93 0.65 -14.94
C8 91J D . 6.91 2.18 -14.94
C10 91J D . 8.22 2.47 -16.85
C13 91J D . 11.12 3.65 -19.39
C15 91J D . 12.50 4.62 -17.52
C17 91J D . 10.20 3.77 -17.02
C24 91J D . 1.41 1.45 -13.56
C1 91J D . -0.57 -0.01 -13.66
N2 91J D . 0.84 0.18 -14.06
C3 91J D . 1.67 -0.99 -13.72
N7 91J D . 5.83 1.62 -14.29
N9 91J D . 7.14 1.93 -16.21
S11 91J D . 8.72 2.29 -18.52
C12 91J D . 10.12 3.32 -18.28
C14 91J D . 12.03 4.82 -18.97
C16 91J D . 11.33 4.68 -16.54
C18 91J D . 9.11 3.29 -16.16
C19 91J D . 8.83 3.54 -14.77
O20 91J D . 9.54 4.25 -14.07
N21 91J D . 7.75 2.98 -14.21
C23 91J D . 2.78 1.69 -14.21
#